data_4NZU
#
_entry.id   4NZU
#
_cell.length_a   51.179
_cell.length_b   80.403
_cell.length_c   102.607
_cell.angle_alpha   90.00
_cell.angle_beta   90.00
_cell.angle_gamma   90.00
#
_symmetry.space_group_name_H-M   'P 21 21 21'
#
loop_
_entity.id
_entity.type
_entity.pdbx_description
1 polymer '13PL heavy chain'
2 polymer '13PL light chain'
3 non-polymer GLYCEROL
4 non-polymer 'ACETATE ION'
5 water water
#
loop_
_entity_poly.entity_id
_entity_poly.type
_entity_poly.pdbx_seq_one_letter_code
_entity_poly.pdbx_strand_id
1 'polypeptide(L)'
;DIEMTQSPSSLSASTGDKVTITCQASQDIAKFLDWYQQRPGKTPKLLIYDASNLAIGVPSRFTGSGSGTDFTFTISSLQP
EDIAVYYCQHYDDFPISFGPGTKLETKRTVAAPSVFIFPPSDEQLKSGTASVVCLLNNFYPREAKVQWKVDNALQSGNSQ
ESVTEQDSKDSTYSLSSTLTLSKADYEKHKVYACEVTHQGLSSPVTKSFNR
;
L
2 'polypeptide(L)'
;AVSLVESGGGTVEPGSTLRLSCAASGFTFGSYAFHWVRQAPGDGLEWVAFISYNGSSKYYASFVSGRFTISRDNSSNTLS
LQMNSLKASDTAVYYCARAPDCADADCHKGAFGYWGQGTLVTVSSASTKGPSVFPLAPSSKTSSGGTAALGCLVKDYFPE
PVTVSWNSGALTSGVHTFPAVLQSSGLYSLSSVVTVPSSSLGTQTYICNVNHKPSNTKVDKKVEP
;
H
#
loop_
_chem_comp.id
_chem_comp.type
_chem_comp.name
_chem_comp.formula
ACT non-polymer 'ACETATE ION' 'C2 H3 O2 -1'
GOL non-polymer GLYCEROL 'C3 H8 O3'
#
# COMPACT_ATOMS: atom_id res chain seq x y z
N ASP A 1 -16.81 -22.47 0.09
CA ASP A 1 -16.27 -21.43 1.01
C ASP A 1 -17.25 -20.28 1.01
N ILE A 2 -17.55 -19.72 2.17
CA ILE A 2 -18.47 -18.58 2.27
C ILE A 2 -17.86 -17.37 1.59
N GLU A 3 -18.68 -16.68 0.80
CA GLU A 3 -18.22 -15.49 0.08
C GLU A 3 -18.77 -14.26 0.78
N MET A 4 -17.86 -13.38 1.15
CA MET A 4 -18.20 -12.11 1.79
C MET A 4 -18.06 -10.98 0.78
N THR A 5 -19.07 -10.13 0.70
CA THR A 5 -19.04 -8.96 -0.18
C THR A 5 -19.31 -7.71 0.64
N GLN A 6 -18.87 -6.57 0.12
CA GLN A 6 -19.05 -5.28 0.79
C GLN A 6 -19.47 -4.22 -0.21
N SER A 7 -20.36 -3.34 0.22
CA SER A 7 -20.76 -2.19 -0.57
C SER A 7 -20.81 -0.94 0.30
N PRO A 8 -20.53 0.22 -0.28
CA PRO A 8 -19.99 0.43 -1.61
C PRO A 8 -18.52 0.03 -1.63
N SER A 9 -17.93 -0.03 -2.81
CA SER A 9 -16.50 -0.32 -2.91
C SER A 9 -15.67 0.84 -2.36
N SER A 10 -16.09 2.06 -2.67
CA SER A 10 -15.47 3.25 -2.14
C SER A 10 -16.55 4.28 -1.86
N LEU A 11 -16.27 5.17 -0.93
CA LEU A 11 -17.22 6.18 -0.49
C LEU A 11 -16.49 7.49 -0.25
N SER A 12 -17.02 8.58 -0.80
CA SER A 12 -16.54 9.93 -0.51
C SER A 12 -17.45 10.55 0.54
N ALA A 13 -16.85 11.10 1.61
CA ALA A 13 -17.62 11.67 2.70
C ALA A 13 -16.96 12.92 3.24
N SER A 14 -17.73 13.66 4.03
CA SER A 14 -17.23 14.84 4.72
C SER A 14 -17.17 14.54 6.22
N THR A 15 -16.20 15.17 6.88
CA THR A 15 -16.11 15.11 8.33
C THR A 15 -17.45 15.56 8.92
N GLY A 16 -17.92 14.84 9.93
CA GLY A 16 -19.23 15.08 10.53
C GLY A 16 -20.38 14.28 9.96
N ASP A 17 -20.18 13.67 8.79
CA ASP A 17 -21.24 12.90 8.14
C ASP A 17 -21.44 11.57 8.88
N LYS A 18 -22.68 11.09 8.82
CA LYS A 18 -22.97 9.71 9.20
C LYS A 18 -22.58 8.85 8.00
N VAL A 19 -21.81 7.79 8.26
CA VAL A 19 -21.36 6.86 7.22
C VAL A 19 -21.95 5.49 7.52
N THR A 20 -22.58 4.87 6.54
CA THR A 20 -23.14 3.52 6.68
C THR A 20 -22.68 2.70 5.50
N ILE A 21 -22.07 1.56 5.80
CA ILE A 21 -21.58 0.64 4.78
C ILE A 21 -22.13 -0.75 5.08
N THR A 22 -22.13 -1.64 4.09
CA THR A 22 -22.77 -2.94 4.24
C THR A 22 -21.87 -4.09 3.88
N CYS A 23 -22.23 -5.25 4.42
CA CYS A 23 -21.52 -6.49 4.18
C CYS A 23 -22.56 -7.60 4.02
N GLN A 24 -22.32 -8.52 3.09
CA GLN A 24 -23.23 -9.63 2.88
C GLN A 24 -22.44 -10.93 2.82
N ALA A 25 -23.05 -11.99 3.37
CA ALA A 25 -22.49 -13.32 3.36
C ALA A 25 -23.34 -14.21 2.45
N SER A 26 -22.71 -15.20 1.83
CA SER A 26 -23.40 -16.11 0.91
C SER A 26 -24.20 -17.22 1.61
N GLN A 27 -24.08 -17.33 2.93
CA GLN A 27 -24.96 -18.18 3.73
C GLN A 27 -25.15 -17.52 5.08
N ASP A 28 -26.12 -18.02 5.83
CA ASP A 28 -26.42 -17.51 7.17
CA ASP A 28 -26.40 -17.51 7.17
C ASP A 28 -25.20 -17.70 8.07
N ILE A 29 -24.61 -16.60 8.54
CA ILE A 29 -23.47 -16.64 9.44
C ILE A 29 -23.82 -16.16 10.85
N ALA A 30 -25.11 -16.19 11.18
CA ALA A 30 -25.60 -15.82 12.51
C ALA A 30 -25.03 -14.44 12.84
N LYS A 31 -24.31 -14.28 13.95
CA LYS A 31 -23.63 -13.03 14.26
C LYS A 31 -22.11 -13.23 14.33
N PHE A 32 -21.58 -14.22 13.60
CA PHE A 32 -20.15 -14.50 13.59
C PHE A 32 -19.47 -13.61 12.54
N LEU A 33 -19.43 -12.31 12.82
CA LEU A 33 -19.12 -11.28 11.84
C LEU A 33 -18.45 -10.10 12.52
N ASP A 34 -17.24 -9.79 12.11
CA ASP A 34 -16.45 -8.70 12.72
C ASP A 34 -16.10 -7.63 11.70
N TRP A 35 -15.78 -6.45 12.20
CA TRP A 35 -15.36 -5.31 11.37
C TRP A 35 -14.04 -4.76 11.84
N TYR A 36 -13.18 -4.47 10.87
CA TYR A 36 -11.83 -3.93 11.07
C TYR A 36 -11.67 -2.62 10.33
N GLN A 37 -10.87 -1.74 10.93
CA GLN A 37 -10.40 -0.53 10.29
C GLN A 37 -8.94 -0.70 9.93
N GLN A 38 -8.55 -0.23 8.76
CA GLN A 38 -7.13 -0.17 8.42
C GLN A 38 -6.82 1.16 7.77
N ARG A 39 -6.05 2.00 8.46
CA ARG A 39 -5.53 3.23 7.89
C ARG A 39 -4.39 2.87 6.96
N PRO A 40 -4.19 3.67 5.89
CA PRO A 40 -3.13 3.37 4.94
C PRO A 40 -1.77 3.12 5.63
N GLY A 41 -1.16 1.99 5.32
CA GLY A 41 0.16 1.66 5.83
C GLY A 41 0.22 1.23 7.29
N LYS A 42 -0.95 1.01 7.91
CA LYS A 42 -1.01 0.64 9.33
C LYS A 42 -1.57 -0.76 9.55
N THR A 43 -1.43 -1.26 10.76
CA THR A 43 -1.94 -2.58 11.13
C THR A 43 -3.47 -2.50 11.30
N PRO A 44 -4.21 -3.53 10.87
CA PRO A 44 -5.66 -3.48 11.08
C PRO A 44 -6.04 -3.47 12.55
N LYS A 45 -7.21 -2.93 12.82
CA LYS A 45 -7.75 -2.78 14.18
C LYS A 45 -9.18 -3.26 14.24
N LEU A 46 -9.47 -4.17 15.16
CA LEU A 46 -10.83 -4.60 15.43
C LEU A 46 -11.67 -3.48 16.01
N LEU A 47 -12.80 -3.17 15.40
CA LEU A 47 -13.72 -2.16 15.94
C LEU A 47 -15.03 -2.74 16.46
N ILE A 48 -15.59 -3.73 15.77
CA ILE A 48 -16.87 -4.34 16.14
C ILE A 48 -16.70 -5.85 16.03
N TYR A 49 -17.13 -6.59 17.04
CA TYR A 49 -17.11 -8.04 16.95
C TYR A 49 -18.49 -8.60 17.21
N ASP A 50 -18.71 -9.81 16.70
CA ASP A 50 -20.00 -10.49 16.86
C ASP A 50 -21.16 -9.59 16.46
N ALA A 51 -20.97 -9.00 15.29
CA ALA A 51 -21.95 -8.19 14.55
C ALA A 51 -22.20 -6.81 15.14
N SER A 52 -22.31 -6.69 16.47
CA SER A 52 -22.77 -5.44 17.06
CA SER A 52 -22.78 -5.45 17.07
C SER A 52 -22.04 -5.00 18.32
N ASN A 53 -21.04 -5.75 18.77
CA ASN A 53 -20.39 -5.41 20.04
C ASN A 53 -19.21 -4.50 19.80
N LEU A 54 -19.14 -3.42 20.56
CA LEU A 54 -18.06 -2.47 20.45
C LEU A 54 -16.79 -3.06 21.06
N ALA A 55 -15.70 -3.10 20.30
CA ALA A 55 -14.48 -3.69 20.80
C ALA A 55 -13.93 -2.85 21.95
N ILE A 56 -13.21 -3.50 22.84
CA ILE A 56 -12.67 -2.85 24.00
C ILE A 56 -11.74 -1.71 23.58
N GLY A 57 -11.93 -0.55 24.18
CA GLY A 57 -11.13 0.62 23.89
C GLY A 57 -11.65 1.50 22.77
N VAL A 58 -12.71 1.09 22.07
CA VAL A 58 -13.19 1.77 20.88
C VAL A 58 -14.32 2.73 21.25
N PRO A 59 -14.32 3.95 20.68
CA PRO A 59 -15.35 4.92 21.05
C PRO A 59 -16.71 4.66 20.43
N SER A 60 -17.73 5.32 20.97
CA SER A 60 -19.11 4.99 20.72
C SER A 60 -19.66 5.39 19.36
N ARG A 61 -18.93 6.20 18.59
CA ARG A 61 -19.43 6.58 17.27
C ARG A 61 -19.49 5.40 16.29
N PHE A 62 -18.79 4.31 16.59
CA PHE A 62 -18.83 3.12 15.76
C PHE A 62 -19.90 2.14 16.21
N THR A 63 -20.56 1.53 15.24
CA THR A 63 -21.53 0.48 15.52
C THR A 63 -21.60 -0.49 14.37
N GLY A 64 -22.10 -1.69 14.66
CA GLY A 64 -22.50 -2.64 13.64
C GLY A 64 -23.84 -3.24 14.01
N SER A 65 -24.55 -3.72 13.01
CA SER A 65 -25.79 -4.43 13.23
C SER A 65 -25.99 -5.47 12.14
N GLY A 66 -26.98 -6.31 12.38
CA GLY A 66 -27.38 -7.36 11.45
C GLY A 66 -27.16 -8.74 12.01
N SER A 67 -27.69 -9.70 11.27
CA SER A 67 -27.53 -11.11 11.57
C SER A 67 -27.89 -11.86 10.31
N GLY A 68 -27.41 -13.07 10.20
CA GLY A 68 -27.79 -13.90 9.08
C GLY A 68 -26.90 -13.65 7.88
N THR A 69 -27.43 -12.97 6.86
CA THR A 69 -26.65 -12.72 5.65
C THR A 69 -26.29 -11.27 5.43
N ASP A 70 -26.97 -10.34 6.09
CA ASP A 70 -26.82 -8.91 5.81
C ASP A 70 -26.45 -8.11 7.05
N PHE A 71 -25.38 -7.34 6.93
CA PHE A 71 -24.79 -6.61 8.05
C PHE A 71 -24.50 -5.17 7.64
N THR A 72 -24.49 -4.29 8.64
CA THR A 72 -24.23 -2.86 8.46
C THR A 72 -23.15 -2.44 9.46
N PHE A 73 -22.33 -1.48 9.05
CA PHE A 73 -21.37 -0.81 9.92
C PHE A 73 -21.60 0.68 9.77
N THR A 74 -21.61 1.41 10.90
CA THR A 74 -21.86 2.83 10.87
CA THR A 74 -21.85 2.83 10.86
C THR A 74 -20.83 3.60 11.68
N ILE A 75 -20.54 4.80 11.21
CA ILE A 75 -19.81 5.82 11.96
C ILE A 75 -20.79 6.97 12.11
N SER A 76 -21.18 7.30 13.34
CA SER A 76 -22.25 8.29 13.54
C SER A 76 -21.86 9.68 13.07
N SER A 77 -20.59 10.05 13.24
CA SER A 77 -20.07 11.34 12.85
C SER A 77 -18.59 11.16 12.51
N LEU A 78 -18.30 11.17 11.21
CA LEU A 78 -16.97 10.86 10.71
C LEU A 78 -15.94 11.86 11.20
N GLN A 79 -14.84 11.36 11.75
CA GLN A 79 -13.70 12.19 12.15
C GLN A 79 -12.55 11.98 11.16
N PRO A 80 -11.63 12.95 11.06
CA PRO A 80 -10.56 12.78 10.06
C PRO A 80 -9.73 11.50 10.21
N GLU A 81 -9.51 11.06 11.45
CA GLU A 81 -8.72 9.85 11.67
C GLU A 81 -9.48 8.59 11.28
N ASP A 82 -10.75 8.72 10.93
CA ASP A 82 -11.58 7.59 10.55
C ASP A 82 -11.50 7.30 9.04
N ILE A 83 -10.80 8.14 8.28
CA ILE A 83 -10.57 7.87 6.86
C ILE A 83 -9.65 6.65 6.75
N ALA A 84 -10.20 5.59 6.18
CA ALA A 84 -9.56 4.29 6.23
C ALA A 84 -10.32 3.37 5.31
N VAL A 85 -9.81 2.15 5.15
CA VAL A 85 -10.59 1.04 4.58
C VAL A 85 -11.14 0.18 5.72
N TYR A 86 -12.39 -0.23 5.56
CA TYR A 86 -13.09 -1.04 6.54
C TYR A 86 -13.41 -2.39 5.92
N TYR A 87 -13.09 -3.45 6.65
CA TYR A 87 -13.28 -4.84 6.21
C TYR A 87 -14.22 -5.57 7.14
N CYS A 88 -15.13 -6.36 6.60
CA CYS A 88 -15.86 -7.33 7.40
C CYS A 88 -15.18 -8.70 7.27
N GLN A 89 -15.52 -9.60 8.17
CA GLN A 89 -14.90 -10.91 8.24
C GLN A 89 -15.79 -11.88 8.99
N HIS A 90 -16.07 -13.04 8.40
CA HIS A 90 -16.89 -14.05 9.05
C HIS A 90 -16.05 -15.07 9.79
N TYR A 91 -16.64 -15.69 10.80
CA TYR A 91 -16.08 -16.90 11.38
C TYR A 91 -17.15 -17.96 11.63
N ASP A 92 -18.06 -18.11 10.68
CA ASP A 92 -19.11 -19.11 10.76
C ASP A 92 -18.59 -20.54 10.69
N ASP A 93 -17.49 -20.73 9.97
CA ASP A 93 -16.89 -22.03 9.74
C ASP A 93 -15.49 -21.76 9.18
N PHE A 94 -14.77 -22.82 8.84
CA PHE A 94 -13.52 -22.69 8.14
C PHE A 94 -13.77 -23.07 6.69
N PRO A 95 -13.11 -22.38 5.73
CA PRO A 95 -12.15 -21.31 5.94
C PRO A 95 -12.81 -19.97 6.32
N ILE A 96 -12.09 -19.20 7.15
CA ILE A 96 -12.45 -17.82 7.43
C ILE A 96 -12.14 -16.98 6.19
N SER A 97 -12.92 -15.93 5.96
CA SER A 97 -12.56 -14.94 4.97
C SER A 97 -13.03 -13.56 5.34
N PHE A 98 -12.35 -12.59 4.73
CA PHE A 98 -12.68 -11.18 4.78
C PHE A 98 -13.49 -10.80 3.54
N GLY A 99 -14.30 -9.75 3.66
CA GLY A 99 -14.80 -9.03 2.51
C GLY A 99 -13.70 -8.19 1.87
N PRO A 100 -13.97 -7.63 0.70
CA PRO A 100 -12.93 -6.93 -0.04
C PRO A 100 -12.62 -5.52 0.44
N GLY A 101 -13.42 -5.00 1.36
CA GLY A 101 -13.18 -3.68 1.91
C GLY A 101 -13.99 -2.58 1.27
N THR A 102 -14.31 -1.57 2.08
CA THR A 102 -14.87 -0.30 1.61
C THR A 102 -13.86 0.78 1.95
N LYS A 103 -13.39 1.50 0.93
CA LYS A 103 -12.41 2.54 1.13
C LYS A 103 -13.08 3.90 1.25
N LEU A 104 -12.77 4.64 2.31
CA LEU A 104 -13.25 6.02 2.44
C LEU A 104 -12.23 7.03 1.92
N GLU A 105 -12.73 8.13 1.38
CA GLU A 105 -11.93 9.32 1.10
C GLU A 105 -12.74 10.54 1.52
N THR A 106 -12.05 11.68 1.61
CA THR A 106 -12.67 12.94 1.97
C THR A 106 -13.08 13.72 0.72
N LYS A 107 -14.31 14.23 0.72
CA LYS A 107 -14.81 15.09 -0.35
C LYS A 107 -14.11 16.44 -0.35
N ARG A 108 -13.89 16.99 -1.54
CA ARG A 108 -13.49 18.37 -1.70
C ARG A 108 -13.94 18.82 -3.08
N THR A 109 -13.74 20.09 -3.38
CA THR A 109 -14.10 20.60 -4.71
C THR A 109 -13.10 20.09 -5.77
N VAL A 110 -13.60 20.06 -6.99
CA VAL A 110 -12.79 19.65 -8.13
C VAL A 110 -11.58 20.58 -8.27
N ALA A 111 -10.41 20.02 -8.52
CA ALA A 111 -9.17 20.76 -8.69
C ALA A 111 -8.38 20.13 -9.82
N ALA A 112 -8.08 20.91 -10.85
CA ALA A 112 -7.23 20.47 -11.93
C ALA A 112 -5.80 20.35 -11.44
N PRO A 113 -5.06 19.35 -11.97
CA PRO A 113 -3.65 19.26 -11.63
C PRO A 113 -2.80 20.35 -12.27
N SER A 114 -1.70 20.70 -11.61
CA SER A 114 -0.55 21.26 -12.33
C SER A 114 0.27 20.08 -12.84
N VAL A 115 0.94 20.26 -13.97
CA VAL A 115 1.58 19.16 -14.69
C VAL A 115 3.03 19.51 -14.98
N PHE A 116 3.93 18.55 -14.84
CA PHE A 116 5.37 18.74 -15.00
C PHE A 116 5.96 17.52 -15.71
N ILE A 117 6.86 17.76 -16.65
CA ILE A 117 7.56 16.67 -17.35
C ILE A 117 9.06 16.74 -17.08
N PHE A 118 9.71 15.60 -16.93
CA PHE A 118 11.13 15.49 -16.63
C PHE A 118 11.82 14.60 -17.65
N PRO A 119 12.86 15.13 -18.32
CA PRO A 119 13.66 14.27 -19.18
C PRO A 119 14.49 13.24 -18.39
N PRO A 120 14.95 12.17 -19.07
CA PRO A 120 15.96 11.32 -18.44
C PRO A 120 17.19 12.12 -18.08
N SER A 121 17.83 11.74 -16.98
CA SER A 121 19.07 12.37 -16.55
C SER A 121 20.24 11.89 -17.42
N ASP A 122 21.25 12.75 -17.56
CA ASP A 122 22.48 12.33 -18.20
C ASP A 122 23.11 11.15 -17.48
N GLU A 123 23.00 11.13 -16.15
CA GLU A 123 23.45 10.00 -15.34
C GLU A 123 22.83 8.69 -15.83
N GLN A 124 21.51 8.67 -15.98
CA GLN A 124 20.82 7.45 -16.41
C GLN A 124 21.22 7.06 -17.82
N LEU A 125 21.38 8.05 -18.70
CA LEU A 125 21.72 7.79 -20.09
C LEU A 125 23.14 7.24 -20.28
N LYS A 126 23.99 7.28 -19.25
CA LYS A 126 25.28 6.57 -19.32
C LYS A 126 25.10 5.05 -19.45
N SER A 127 23.97 4.53 -18.99
CA SER A 127 23.58 3.14 -19.22
C SER A 127 22.51 3.08 -20.33
N GLY A 128 21.96 1.90 -20.59
CA GLY A 128 21.15 1.67 -21.79
C GLY A 128 19.66 1.93 -21.70
N THR A 129 19.22 2.66 -20.67
CA THR A 129 17.80 2.94 -20.46
C THR A 129 17.55 4.42 -20.23
N ALA A 130 16.36 4.85 -20.62
CA ALA A 130 15.89 6.20 -20.46
C ALA A 130 14.49 6.17 -19.85
N SER A 131 14.32 6.89 -18.75
CA SER A 131 13.02 7.03 -18.10
C SER A 131 12.58 8.48 -18.24
N VAL A 132 11.37 8.69 -18.76
CA VAL A 132 10.77 10.01 -18.86
C VAL A 132 9.63 10.03 -17.83
N VAL A 133 9.53 11.08 -17.03
CA VAL A 133 8.56 11.11 -15.93
C VAL A 133 7.62 12.31 -16.04
N CYS A 134 6.35 12.07 -15.74
CA CYS A 134 5.32 13.11 -15.73
C CYS A 134 4.64 13.13 -14.36
N LEU A 135 4.52 14.33 -13.78
CA LEU A 135 3.89 14.57 -12.49
C LEU A 135 2.59 15.35 -12.69
N LEU A 136 1.52 14.83 -12.09
CA LEU A 136 0.22 15.51 -11.99
C LEU A 136 0.06 15.82 -10.52
N ASN A 137 0.04 17.11 -10.19
CA ASN A 137 0.18 17.60 -8.82
C ASN A 137 -1.13 18.16 -8.29
N ASN A 138 -1.56 17.66 -7.13
CA ASN A 138 -2.59 18.29 -6.29
C ASN A 138 -3.95 18.42 -6.99
N PHE A 139 -4.52 17.30 -7.39
CA PHE A 139 -5.79 17.30 -8.10
C PHE A 139 -6.88 16.50 -7.38
N TYR A 140 -8.12 16.71 -7.81
CA TYR A 140 -9.27 16.01 -7.25
C TYR A 140 -10.40 16.09 -8.26
N PRO A 141 -11.11 14.98 -8.52
CA PRO A 141 -11.01 13.66 -7.91
C PRO A 141 -9.82 12.85 -8.44
N ARG A 142 -9.68 11.64 -7.92
CA ARG A 142 -8.51 10.82 -8.15
C ARG A 142 -8.34 10.36 -9.61
N GLU A 143 -9.45 10.26 -10.33
CA GLU A 143 -9.42 9.76 -11.70
C GLU A 143 -8.70 10.75 -12.60
N ALA A 144 -7.72 10.28 -13.35
CA ALA A 144 -6.95 11.09 -14.28
C ALA A 144 -6.39 10.17 -15.32
N LYS A 145 -6.08 10.73 -16.50
CA LYS A 145 -5.45 9.96 -17.56
C LYS A 145 -4.20 10.64 -18.08
N VAL A 146 -3.15 9.87 -18.24
CA VAL A 146 -1.92 10.30 -18.89
C VAL A 146 -1.76 9.54 -20.19
N GLN A 147 -1.50 10.28 -21.27
CA GLN A 147 -1.13 9.68 -22.57
C GLN A 147 0.27 10.19 -22.94
N TRP A 148 1.21 9.28 -23.09
CA TRP A 148 2.56 9.59 -23.53
C TRP A 148 2.66 9.63 -25.03
N LYS A 149 3.44 10.58 -25.54
CA LYS A 149 3.72 10.68 -26.97
C LYS A 149 5.21 10.87 -27.20
N VAL A 150 5.74 10.17 -28.20
CA VAL A 150 7.12 10.29 -28.64
C VAL A 150 7.07 10.62 -30.14
N ASP A 151 7.58 11.80 -30.52
CA ASP A 151 7.46 12.28 -31.89
C ASP A 151 6.00 12.17 -32.36
N ASN A 152 5.09 12.55 -31.46
CA ASN A 152 3.65 12.58 -31.71
C ASN A 152 2.99 11.20 -31.82
N ALA A 153 3.76 10.12 -31.66
CA ALA A 153 3.24 8.76 -31.69
C ALA A 153 2.79 8.38 -30.28
N LEU A 154 1.52 8.00 -30.15
CA LEU A 154 0.99 7.60 -28.86
C LEU A 154 1.65 6.29 -28.40
N GLN A 155 2.13 6.27 -27.18
CA GLN A 155 2.79 5.11 -26.60
C GLN A 155 1.79 4.19 -25.94
N SER A 156 2.10 2.89 -25.95
CA SER A 156 1.28 1.88 -25.29
C SER A 156 2.19 0.79 -24.75
N GLY A 157 1.92 0.37 -23.53
CA GLY A 157 2.58 -0.79 -22.95
C GLY A 157 3.92 -0.55 -22.30
N ASN A 158 4.39 0.70 -22.34
CA ASN A 158 5.73 1.03 -21.83
C ASN A 158 5.71 2.12 -20.77
N SER A 159 4.58 2.27 -20.08
CA SER A 159 4.48 3.17 -18.94
C SER A 159 3.84 2.51 -17.75
N GLN A 160 4.16 3.06 -16.57
CA GLN A 160 3.52 2.68 -15.32
C GLN A 160 3.30 3.93 -14.51
N GLU A 161 2.33 3.89 -13.62
CA GLU A 161 2.01 5.05 -12.79
C GLU A 161 1.61 4.62 -11.40
N SER A 162 1.68 5.58 -10.49
CA SER A 162 1.11 5.42 -9.17
C SER A 162 0.60 6.75 -8.64
N VAL A 163 -0.25 6.64 -7.63
CA VAL A 163 -0.98 7.74 -7.07
C VAL A 163 -0.76 7.76 -5.56
N THR A 164 -0.54 8.95 -5.01
CA THR A 164 -0.37 9.10 -3.58
C THR A 164 -1.66 8.81 -2.83
N GLU A 165 -1.53 8.48 -1.55
CA GLU A 165 -2.67 8.53 -0.66
C GLU A 165 -3.21 9.97 -0.61
N GLN A 166 -4.51 10.11 -0.43
CA GLN A 166 -5.12 11.43 -0.35
C GLN A 166 -4.43 12.28 0.69
N ASP A 167 -4.12 13.53 0.36
CA ASP A 167 -3.44 14.41 1.31
C ASP A 167 -4.35 14.73 2.48
N SER A 168 -3.82 14.62 3.69
CA SER A 168 -4.62 14.79 4.89
C SER A 168 -5.05 16.25 5.08
N LYS A 169 -4.26 17.20 4.57
CA LYS A 169 -4.59 18.62 4.76
C LYS A 169 -5.55 19.14 3.71
N ASP A 170 -5.21 18.90 2.44
CA ASP A 170 -5.92 19.54 1.34
C ASP A 170 -6.82 18.60 0.52
N SER A 171 -6.84 17.32 0.87
CA SER A 171 -7.72 16.33 0.27
C SER A 171 -7.46 16.07 -1.22
N THR A 172 -6.28 16.43 -1.72
CA THR A 172 -5.93 16.18 -3.11
C THR A 172 -5.10 14.90 -3.26
N TYR A 173 -4.95 14.52 -4.53
CA TYR A 173 -4.11 13.42 -4.96
C TYR A 173 -3.02 13.94 -5.88
N SER A 174 -1.93 13.18 -6.01
CA SER A 174 -0.92 13.43 -7.04
C SER A 174 -0.60 12.10 -7.71
N LEU A 175 -0.11 12.17 -8.94
CA LEU A 175 0.15 10.99 -9.77
C LEU A 175 1.49 11.15 -10.46
N SER A 176 2.29 10.07 -10.49
CA SER A 176 3.55 10.03 -11.20
C SER A 176 3.48 8.91 -12.22
N SER A 177 3.86 9.21 -13.46
CA SER A 177 3.92 8.23 -14.53
C SER A 177 5.32 8.21 -15.10
N THR A 178 5.84 7.00 -15.35
CA THR A 178 7.14 6.81 -15.97
C THR A 178 6.99 6.07 -17.29
N LEU A 179 7.55 6.67 -18.34
CA LEU A 179 7.68 6.06 -19.65
C LEU A 179 9.09 5.50 -19.73
N THR A 180 9.19 4.20 -20.01
CA THR A 180 10.49 3.53 -20.09
C THR A 180 10.83 3.26 -21.55
N LEU A 181 11.98 3.75 -21.99
CA LEU A 181 12.46 3.56 -23.36
C LEU A 181 13.88 3.04 -23.30
N SER A 182 14.31 2.34 -24.34
CA SER A 182 15.73 2.08 -24.48
C SER A 182 16.45 3.40 -24.75
N LYS A 183 17.71 3.50 -24.38
CA LYS A 183 18.51 4.67 -24.72
C LYS A 183 18.49 4.93 -26.22
N ALA A 184 18.60 3.88 -27.03
CA ALA A 184 18.61 4.03 -28.48
C ALA A 184 17.31 4.66 -28.98
N ASP A 185 16.17 4.23 -28.45
CA ASP A 185 14.88 4.78 -28.85
C ASP A 185 14.78 6.25 -28.42
N TYR A 186 15.24 6.55 -27.20
CA TYR A 186 15.21 7.92 -26.71
C TYR A 186 16.07 8.84 -27.57
N GLU A 187 17.27 8.39 -27.92
CA GLU A 187 18.17 9.20 -28.72
C GLU A 187 17.74 9.31 -30.18
N LYS A 188 16.91 8.37 -30.64
CA LYS A 188 16.43 8.34 -32.02
C LYS A 188 15.36 9.42 -32.27
N HIS A 189 14.53 9.67 -31.25
CA HIS A 189 13.39 10.59 -31.37
C HIS A 189 13.65 11.91 -30.68
N LYS A 190 12.77 12.88 -30.90
CA LYS A 190 13.03 14.25 -30.46
C LYS A 190 12.03 14.83 -29.46
N VAL A 191 10.73 14.68 -29.75
CA VAL A 191 9.70 15.38 -28.95
C VAL A 191 9.05 14.40 -27.98
N TYR A 192 9.08 14.74 -26.69
CA TYR A 192 8.54 13.92 -25.63
C TYR A 192 7.42 14.69 -24.95
N ALA A 193 6.24 14.09 -24.85
CA ALA A 193 5.09 14.80 -24.32
C ALA A 193 4.23 13.91 -23.46
N CYS A 194 3.70 14.52 -22.42
CA CYS A 194 2.70 13.90 -21.58
CA CYS A 194 2.66 13.87 -21.61
C CYS A 194 1.40 14.71 -21.67
N GLU A 195 0.32 14.07 -22.09
CA GLU A 195 -0.97 14.70 -22.25
C GLU A 195 -1.91 14.20 -21.15
N VAL A 196 -2.47 15.15 -20.42
CA VAL A 196 -3.25 14.88 -19.24
C VAL A 196 -4.71 15.30 -19.41
N THR A 197 -5.59 14.37 -19.06
CA THR A 197 -7.02 14.65 -19.04
CA THR A 197 -7.02 14.62 -19.04
C THR A 197 -7.54 14.45 -17.62
N HIS A 198 -8.42 15.35 -17.21
CA HIS A 198 -8.94 15.37 -15.85
C HIS A 198 -10.20 16.21 -15.84
N GLN A 199 -11.12 15.88 -14.94
CA GLN A 199 -12.41 16.58 -14.83
C GLN A 199 -12.27 18.09 -14.66
N GLY A 200 -11.18 18.52 -14.04
CA GLY A 200 -10.95 19.94 -13.79
C GLY A 200 -10.39 20.71 -14.98
N LEU A 201 -10.03 20.01 -16.05
CA LEU A 201 -9.48 20.63 -17.25
C LEU A 201 -10.53 20.64 -18.35
N SER A 202 -10.78 21.82 -18.93
CA SER A 202 -11.75 21.95 -20.01
C SER A 202 -11.29 21.26 -21.29
N SER A 203 -9.98 21.16 -21.47
CA SER A 203 -9.39 20.40 -22.58
C SER A 203 -8.06 19.84 -22.07
N PRO A 204 -7.51 18.83 -22.77
CA PRO A 204 -6.27 18.20 -22.26
C PRO A 204 -5.09 19.17 -22.17
N VAL A 205 -4.25 18.98 -21.15
CA VAL A 205 -3.02 19.75 -20.98
C VAL A 205 -1.85 18.90 -21.38
N THR A 206 -1.00 19.43 -22.26
CA THR A 206 0.20 18.71 -22.66
C THR A 206 1.43 19.49 -22.20
N LYS A 207 2.35 18.80 -21.54
CA LYS A 207 3.68 19.32 -21.26
C LYS A 207 4.68 18.50 -22.08
N SER A 208 5.67 19.18 -22.64
CA SER A 208 6.61 18.55 -23.54
C SER A 208 8.01 19.13 -23.43
N PHE A 209 8.98 18.37 -23.93
CA PHE A 209 10.33 18.88 -24.15
C PHE A 209 10.88 18.27 -25.42
N ASN A 210 11.90 18.93 -25.97
CA ASN A 210 12.66 18.42 -27.10
C ASN A 210 14.01 17.94 -26.60
N ARG A 211 14.37 16.69 -26.90
CA ARG A 211 15.68 16.16 -26.51
C ARG A 211 16.75 17.00 -27.18
N ALA B 1 1.82 -6.54 29.06
CA ALA B 1 0.89 -6.32 27.92
C ALA B 1 1.05 -7.41 26.88
N VAL B 2 -0.04 -7.79 26.22
CA VAL B 2 0.03 -8.68 25.05
C VAL B 2 1.06 -8.10 24.07
N SER B 3 2.04 -8.92 23.66
CA SER B 3 3.04 -8.54 22.66
C SER B 3 3.17 -9.72 21.70
N LEU B 4 3.13 -9.42 20.41
CA LEU B 4 3.29 -10.39 19.33
C LEU B 4 4.34 -9.86 18.38
N VAL B 5 5.50 -10.50 18.33
CA VAL B 5 6.64 -10.01 17.56
C VAL B 5 7.00 -11.02 16.50
N GLU B 6 6.84 -10.61 15.26
CA GLU B 6 7.12 -11.47 14.12
C GLU B 6 8.55 -11.36 13.65
N SER B 7 9.05 -12.44 13.06
CA SER B 7 10.35 -12.47 12.43
C SER B 7 10.33 -13.47 11.28
N GLY B 8 11.39 -13.45 10.48
CA GLY B 8 11.60 -14.41 9.41
C GLY B 8 11.26 -13.90 8.01
N GLY B 9 10.80 -12.67 7.91
CA GLY B 9 10.50 -12.08 6.60
C GLY B 9 11.73 -11.94 5.75
N GLY B 10 11.52 -11.83 4.44
CA GLY B 10 12.64 -11.66 3.52
C GLY B 10 12.25 -12.04 2.11
N THR B 11 13.25 -12.32 1.29
CA THR B 11 13.05 -12.61 -0.11
C THR B 11 13.25 -14.10 -0.36
N VAL B 12 12.53 -14.62 -1.35
CA VAL B 12 12.52 -16.04 -1.65
C VAL B 12 12.41 -16.21 -3.17
N GLU B 13 13.15 -17.16 -3.71
CA GLU B 13 13.02 -17.51 -5.12
C GLU B 13 11.77 -18.36 -5.33
N PRO B 14 11.16 -18.28 -6.53
CA PRO B 14 9.97 -19.08 -6.78
C PRO B 14 10.22 -20.57 -6.61
N GLY B 15 9.27 -21.24 -5.97
CA GLY B 15 9.38 -22.67 -5.68
C GLY B 15 10.10 -23.00 -4.40
N SER B 16 10.72 -22.03 -3.75
CA SER B 16 11.48 -22.26 -2.54
C SER B 16 10.64 -21.98 -1.27
N THR B 17 11.27 -22.08 -0.10
CA THR B 17 10.56 -22.06 1.17
C THR B 17 11.03 -20.93 2.05
N LEU B 18 10.16 -20.54 2.98
CA LEU B 18 10.49 -19.54 4.00
C LEU B 18 9.63 -19.83 5.23
N ARG B 19 10.22 -19.73 6.41
CA ARG B 19 9.51 -19.92 7.67
C ARG B 19 9.37 -18.62 8.46
N LEU B 20 8.13 -18.29 8.81
CA LEU B 20 7.83 -17.14 9.67
C LEU B 20 7.61 -17.58 11.09
N SER B 21 7.91 -16.69 12.02
CA SER B 21 7.71 -16.94 13.44
CA SER B 21 7.71 -16.94 13.44
C SER B 21 7.03 -15.73 14.10
N CYS B 22 6.30 -16.01 15.18
CA CYS B 22 5.66 -14.99 15.99
C CYS B 22 5.98 -15.39 17.44
N ALA B 23 6.65 -14.50 18.16
CA ALA B 23 7.01 -14.70 19.57
C ALA B 23 6.01 -13.91 20.41
N ALA B 24 5.34 -14.62 21.32
CA ALA B 24 4.29 -14.03 22.14
C ALA B 24 4.75 -13.84 23.57
N SER B 25 4.26 -12.79 24.21
CA SER B 25 4.49 -12.59 25.62
C SER B 25 3.35 -11.77 26.21
N GLY B 26 3.27 -11.80 27.53
CA GLY B 26 2.31 -10.99 28.27
C GLY B 26 0.98 -11.65 28.59
N PHE B 27 0.85 -12.94 28.28
CA PHE B 27 -0.38 -13.69 28.52
C PHE B 27 -0.04 -15.18 28.41
N THR B 28 -1.01 -16.04 28.75
CA THR B 28 -0.80 -17.49 28.63
C THR B 28 -1.01 -17.89 27.16
N PHE B 29 0.11 -18.04 26.45
CA PHE B 29 0.09 -18.31 25.00
C PHE B 29 -0.76 -19.53 24.65
N GLY B 30 -0.61 -20.59 25.42
CA GLY B 30 -1.30 -21.85 25.17
C GLY B 30 -2.79 -21.86 25.47
N SER B 31 -3.34 -20.74 25.95
CA SER B 31 -4.79 -20.63 26.13
C SER B 31 -5.48 -20.04 24.90
N TYR B 32 -4.72 -19.66 23.87
CA TYR B 32 -5.26 -18.94 22.71
C TYR B 32 -4.98 -19.65 21.40
N ALA B 33 -6.02 -19.77 20.57
CA ALA B 33 -5.83 -20.06 19.14
C ALA B 33 -5.08 -18.91 18.48
N PHE B 34 -4.41 -19.21 17.37
CA PHE B 34 -3.74 -18.19 16.57
C PHE B 34 -4.07 -18.35 15.10
N HIS B 35 -3.98 -17.23 14.40
CA HIS B 35 -4.19 -17.17 12.96
C HIS B 35 -3.03 -16.47 12.31
N TRP B 36 -2.85 -16.80 11.02
CA TRP B 36 -2.05 -15.98 10.10
C TRP B 36 -2.97 -15.34 9.08
N VAL B 37 -2.72 -14.07 8.80
CA VAL B 37 -3.45 -13.25 7.83
C VAL B 37 -2.39 -12.54 6.99
N ARG B 38 -2.64 -12.36 5.70
CA ARG B 38 -1.68 -11.66 4.86
C ARG B 38 -2.35 -10.56 4.06
N GLN B 39 -1.53 -9.69 3.52
CA GLN B 39 -1.99 -8.59 2.68
C GLN B 39 -0.96 -8.26 1.62
N ALA B 40 -1.34 -8.49 0.36
CA ALA B 40 -0.48 -8.12 -0.77
C ALA B 40 -0.50 -6.60 -0.91
N PRO B 41 0.60 -6.02 -1.43
CA PRO B 41 0.64 -4.56 -1.55
C PRO B 41 -0.55 -3.97 -2.31
N GLY B 42 -1.24 -3.02 -1.67
CA GLY B 42 -2.39 -2.37 -2.27
C GLY B 42 -3.66 -3.19 -2.37
N ASP B 43 -3.67 -4.37 -1.76
CA ASP B 43 -4.81 -5.29 -1.84
C ASP B 43 -5.43 -5.51 -0.46
N GLY B 44 -6.41 -6.40 -0.38
CA GLY B 44 -7.16 -6.60 0.84
C GLY B 44 -6.54 -7.59 1.80
N LEU B 45 -7.12 -7.66 2.98
CA LEU B 45 -6.75 -8.66 3.96
C LEU B 45 -7.21 -10.05 3.52
N GLU B 46 -6.34 -11.04 3.73
CA GLU B 46 -6.61 -12.40 3.30
C GLU B 46 -6.22 -13.38 4.41
N TRP B 47 -7.17 -14.14 4.90
CA TRP B 47 -6.91 -15.15 5.92
C TRP B 47 -6.10 -16.29 5.35
N VAL B 48 -5.13 -16.78 6.12
CA VAL B 48 -4.25 -17.84 5.66
C VAL B 48 -4.43 -19.15 6.43
N ALA B 49 -4.43 -19.12 7.76
CA ALA B 49 -4.43 -20.35 8.55
C ALA B 49 -4.81 -20.11 10.01
N PHE B 50 -5.23 -21.18 10.66
CA PHE B 50 -5.62 -21.24 12.06
C PHE B 50 -4.94 -22.43 12.72
N ILE B 51 -4.56 -22.24 13.97
CA ILE B 51 -4.11 -23.35 14.83
C ILE B 51 -4.81 -23.21 16.18
N SER B 52 -5.37 -24.30 16.65
CA SER B 52 -6.07 -24.29 17.95
C SER B 52 -5.08 -24.11 19.10
N TYR B 53 -5.64 -23.83 20.28
CA TYR B 53 -4.85 -23.52 21.47
C TYR B 53 -3.77 -24.56 21.77
N ASN B 54 -4.10 -25.84 21.58
CA ASN B 54 -3.19 -26.94 21.85
C ASN B 54 -2.59 -27.56 20.59
N GLY B 55 -2.87 -26.97 19.43
CA GLY B 55 -2.34 -27.44 18.17
C GLY B 55 -3.02 -28.66 17.58
N SER B 56 -4.09 -29.15 18.19
CA SER B 56 -4.76 -30.34 17.71
C SER B 56 -5.60 -30.14 16.46
N SER B 57 -5.94 -28.89 16.16
CA SER B 57 -6.69 -28.58 14.94
C SER B 57 -5.96 -27.49 14.17
N LYS B 58 -5.85 -27.68 12.85
CA LYS B 58 -5.19 -26.74 11.96
C LYS B 58 -6.03 -26.64 10.70
N TYR B 59 -6.32 -25.42 10.24
CA TYR B 59 -7.11 -25.16 9.06
C TYR B 59 -6.42 -24.13 8.20
N TYR B 60 -6.65 -24.21 6.90
CA TYR B 60 -5.96 -23.40 5.90
C TYR B 60 -6.91 -22.86 4.86
N ALA B 61 -6.53 -21.72 4.30
CA ALA B 61 -7.25 -21.15 3.16
C ALA B 61 -7.10 -22.03 1.93
N SER B 62 -8.03 -21.91 0.99
CA SER B 62 -8.03 -22.75 -0.20
C SER B 62 -6.76 -22.63 -1.05
N PHE B 63 -6.13 -21.45 -1.06
CA PHE B 63 -4.93 -21.25 -1.89
C PHE B 63 -3.68 -21.95 -1.36
N VAL B 64 -3.73 -22.41 -0.12
CA VAL B 64 -2.56 -23.02 0.50
C VAL B 64 -2.21 -24.34 -0.20
N SER B 65 -3.21 -25.19 -0.43
CA SER B 65 -3.04 -26.44 -1.19
C SER B 65 -1.88 -27.28 -0.67
N GLY B 66 -1.79 -27.42 0.65
CA GLY B 66 -0.81 -28.29 1.29
C GLY B 66 0.59 -27.72 1.38
N ARG B 67 0.78 -26.49 0.92
CA ARG B 67 2.12 -25.93 0.84
C ARG B 67 2.62 -25.31 2.12
N PHE B 68 1.70 -24.91 3.00
CA PHE B 68 2.06 -24.23 4.23
C PHE B 68 1.68 -25.08 5.43
N THR B 69 2.49 -25.02 6.47
CA THR B 69 2.22 -25.74 7.71
C THR B 69 2.31 -24.78 8.88
N ILE B 70 1.21 -24.65 9.60
CA ILE B 70 1.16 -23.87 10.84
C ILE B 70 1.55 -24.80 11.99
N SER B 71 2.30 -24.27 12.95
CA SER B 71 2.68 -25.03 14.13
C SER B 71 2.88 -24.08 15.29
N ARG B 72 2.98 -24.62 16.49
CA ARG B 72 3.26 -23.80 17.66
C ARG B 72 4.07 -24.59 18.65
N ASP B 73 4.76 -23.88 19.53
CA ASP B 73 5.45 -24.49 20.65
C ASP B 73 5.03 -23.75 21.92
N ASN B 74 4.09 -24.33 22.66
CA ASN B 74 3.51 -23.66 23.82
C ASN B 74 4.50 -23.51 24.98
N SER B 75 5.54 -24.35 25.01
CA SER B 75 6.57 -24.23 26.04
C SER B 75 7.55 -23.06 25.78
N SER B 76 7.60 -22.58 24.53
CA SER B 76 8.51 -21.50 24.13
C SER B 76 7.77 -20.24 23.67
N ASN B 77 6.45 -20.28 23.73
CA ASN B 77 5.62 -19.13 23.38
C ASN B 77 5.83 -18.66 21.93
N THR B 78 5.95 -19.63 21.01
CA THR B 78 6.15 -19.30 19.60
C THR B 78 5.12 -19.96 18.69
N LEU B 79 4.81 -19.22 17.63
CA LEU B 79 3.94 -19.65 16.54
C LEU B 79 4.77 -19.64 15.26
N SER B 80 4.56 -20.59 14.36
CA SER B 80 5.30 -20.71 13.12
C SER B 80 4.38 -20.89 11.93
N LEU B 81 4.82 -20.38 10.79
CA LEU B 81 4.21 -20.71 9.51
C LEU B 81 5.32 -21.07 8.54
N GLN B 82 5.42 -22.34 8.22
CA GLN B 82 6.40 -22.84 7.26
C GLN B 82 5.75 -22.80 5.89
N MET B 83 6.29 -21.99 4.98
CA MET B 83 5.74 -21.86 3.64
C MET B 83 6.67 -22.50 2.62
N ASN B 84 6.14 -23.47 1.89
CA ASN B 84 6.87 -24.17 0.84
C ASN B 84 6.29 -23.84 -0.51
N SER B 85 7.06 -24.12 -1.56
CA SER B 85 6.60 -24.00 -2.93
C SER B 85 5.97 -22.61 -3.16
N LEU B 86 6.69 -21.58 -2.73
CA LEU B 86 6.16 -20.22 -2.81
C LEU B 86 6.14 -19.72 -4.25
N LYS B 87 5.15 -18.88 -4.53
CA LYS B 87 4.97 -18.27 -5.85
C LYS B 87 4.90 -16.75 -5.71
N ALA B 88 5.07 -16.05 -6.82
CA ALA B 88 5.02 -14.58 -6.82
C ALA B 88 3.76 -14.06 -6.15
N SER B 89 2.63 -14.72 -6.37
CA SER B 89 1.36 -14.27 -5.84
C SER B 89 1.24 -14.43 -4.31
N ASP B 90 2.20 -15.11 -3.69
CA ASP B 90 2.29 -15.16 -2.23
C ASP B 90 3.03 -13.97 -1.59
N THR B 91 3.51 -13.05 -2.42
CA THR B 91 4.15 -11.84 -1.93
C THR B 91 3.14 -11.03 -1.12
N ALA B 92 3.48 -10.72 0.12
CA ALA B 92 2.55 -10.05 1.03
C ALA B 92 3.24 -9.73 2.33
N VAL B 93 2.61 -8.84 3.09
CA VAL B 93 2.89 -8.69 4.51
C VAL B 93 2.06 -9.75 5.26
N TYR B 94 2.73 -10.53 6.10
CA TYR B 94 2.10 -11.59 6.89
C TYR B 94 2.01 -11.17 8.35
N TYR B 95 0.83 -11.36 8.92
CA TYR B 95 0.51 -11.02 10.30
C TYR B 95 0.07 -12.26 11.07
N CYS B 96 0.48 -12.33 12.34
CA CYS B 96 -0.14 -13.26 13.29
C CYS B 96 -1.23 -12.51 14.05
N ALA B 97 -2.24 -13.23 14.52
CA ALA B 97 -3.35 -12.61 15.23
C ALA B 97 -4.00 -13.58 16.20
N ARG B 98 -4.60 -12.99 17.23
CA ARG B 98 -5.22 -13.71 18.33
C ARG B 98 -6.52 -12.99 18.72
N ALA B 99 -7.41 -13.70 19.40
CA ALA B 99 -8.69 -13.17 19.86
C ALA B 99 -8.53 -12.11 20.96
N PRO B 100 -9.59 -11.32 21.19
CA PRO B 100 -9.67 -10.50 22.40
C PRO B 100 -9.47 -11.35 23.67
N ASP B 101 -9.08 -10.70 24.76
CA ASP B 101 -8.95 -11.39 26.03
C ASP B 101 -10.21 -12.18 26.37
N CYS B 102 -10.00 -13.37 26.90
CA CYS B 102 -11.07 -14.22 27.39
C CYS B 102 -10.52 -15.00 28.59
N ALA B 103 -11.38 -15.46 29.48
CA ALA B 103 -10.95 -16.12 30.72
C ALA B 103 -10.92 -17.64 30.65
N ASP B 104 -11.30 -18.20 29.50
CA ASP B 104 -11.46 -19.63 29.36
C ASP B 104 -10.14 -20.32 29.05
N ALA B 105 -10.14 -21.65 29.17
CA ALA B 105 -8.98 -22.46 28.88
C ALA B 105 -8.59 -22.41 27.41
N ASP B 106 -9.58 -22.18 26.55
CA ASP B 106 -9.39 -22.16 25.10
C ASP B 106 -10.13 -20.97 24.51
N CYS B 107 -9.38 -19.90 24.23
CA CYS B 107 -9.92 -18.68 23.66
C CYS B 107 -9.71 -18.74 22.15
N HIS B 108 -10.80 -19.02 21.44
CA HIS B 108 -10.72 -19.27 20.00
C HIS B 108 -11.76 -18.51 19.21
N LYS B 109 -12.30 -17.42 19.76
CA LYS B 109 -13.21 -16.59 18.98
C LYS B 109 -12.49 -16.14 17.72
N GLY B 110 -13.15 -16.26 16.58
CA GLY B 110 -12.58 -15.87 15.29
C GLY B 110 -12.63 -14.39 15.04
N ALA B 111 -12.22 -13.59 16.03
CA ALA B 111 -12.08 -12.13 15.91
C ALA B 111 -10.62 -11.83 16.23
N PHE B 112 -10.01 -10.92 15.46
CA PHE B 112 -8.59 -10.67 15.56
C PHE B 112 -8.38 -9.40 16.36
N GLY B 113 -8.29 -9.55 17.67
CA GLY B 113 -8.13 -8.41 18.56
C GLY B 113 -6.72 -7.92 18.69
N TYR B 114 -5.74 -8.80 18.64
CA TYR B 114 -4.34 -8.44 18.76
C TYR B 114 -3.61 -8.97 17.55
N TRP B 115 -2.77 -8.12 16.94
CA TRP B 115 -2.04 -8.42 15.72
C TRP B 115 -0.57 -8.22 15.94
N GLY B 116 0.26 -9.03 15.28
CA GLY B 116 1.68 -8.74 15.17
C GLY B 116 1.92 -7.53 14.28
N GLN B 117 3.18 -7.13 14.19
CA GLN B 117 3.53 -5.91 13.47
C GLN B 117 3.55 -6.08 11.95
N GLY B 118 3.56 -7.34 11.51
CA GLY B 118 3.65 -7.68 10.10
C GLY B 118 5.09 -7.84 9.68
N THR B 119 5.32 -8.77 8.75
CA THR B 119 6.63 -8.91 8.13
C THR B 119 6.44 -9.22 6.65
N LEU B 120 7.26 -8.58 5.80
CA LEU B 120 7.16 -8.70 4.36
C LEU B 120 7.86 -9.94 3.84
N VAL B 121 7.15 -10.68 3.00
CA VAL B 121 7.71 -11.79 2.26
C VAL B 121 7.55 -11.47 0.77
N THR B 122 8.67 -11.44 0.05
CA THR B 122 8.66 -11.15 -1.38
C THR B 122 9.19 -12.35 -2.14
N VAL B 123 8.38 -12.89 -3.03
CA VAL B 123 8.72 -14.06 -3.81
C VAL B 123 8.95 -13.63 -5.26
N SER B 124 10.16 -13.84 -5.76
CA SER B 124 10.55 -13.35 -7.07
C SER B 124 11.84 -14.01 -7.50
N SER B 125 12.06 -14.07 -8.80
CA SER B 125 13.36 -14.48 -9.32
C SER B 125 14.41 -13.37 -9.18
N ALA B 126 13.96 -12.14 -8.91
CA ALA B 126 14.88 -11.03 -8.72
C ALA B 126 15.80 -11.28 -7.53
N SER B 127 17.00 -10.71 -7.59
CA SER B 127 17.95 -10.72 -6.49
C SER B 127 17.96 -9.36 -5.79
N THR B 128 18.22 -9.36 -4.48
CA THR B 128 18.35 -8.12 -3.72
C THR B 128 19.30 -7.15 -4.42
N LYS B 129 18.84 -5.92 -4.60
CA LYS B 129 19.54 -4.93 -5.41
C LYS B 129 19.20 -3.53 -4.92
N GLY B 130 20.22 -2.70 -4.73
CA GLY B 130 20.02 -1.31 -4.35
C GLY B 130 19.65 -0.46 -5.54
N PRO B 131 18.97 0.67 -5.28
CA PRO B 131 18.52 1.53 -6.36
C PRO B 131 19.62 2.37 -6.96
N SER B 132 19.43 2.76 -8.21
CA SER B 132 20.13 3.91 -8.76
C SER B 132 19.23 5.11 -8.48
N VAL B 133 19.83 6.24 -8.09
CA VAL B 133 19.05 7.44 -7.77
C VAL B 133 19.39 8.50 -8.81
N PHE B 134 18.40 8.84 -9.65
CA PHE B 134 18.57 9.80 -10.73
C PHE B 134 17.81 11.10 -10.45
N PRO B 135 18.39 12.24 -10.84
CA PRO B 135 17.67 13.50 -10.65
C PRO B 135 16.49 13.64 -11.62
N LEU B 136 15.42 14.26 -11.12
CA LEU B 136 14.29 14.75 -11.91
C LEU B 136 14.35 16.29 -11.89
N ALA B 137 14.58 16.90 -13.04
CA ALA B 137 14.62 18.36 -13.15
C ALA B 137 14.06 18.78 -14.50
N PRO B 138 13.49 20.00 -14.58
CA PRO B 138 12.91 20.42 -15.87
C PRO B 138 13.97 20.55 -16.96
N SER B 139 13.54 20.41 -18.21
CA SER B 139 14.42 20.61 -19.35
C SER B 139 15.15 21.94 -19.26
N SER B 140 16.44 21.93 -19.62
CA SER B 140 17.25 23.15 -19.61
C SER B 140 16.78 24.19 -20.63
N LYS B 141 16.12 23.73 -21.69
CA LYS B 141 15.63 24.61 -22.74
C LYS B 141 14.39 25.36 -22.31
N SER B 144 12.42 29.20 -16.81
CA SER B 144 12.44 30.18 -15.72
C SER B 144 11.05 30.81 -15.55
N GLY B 145 10.69 31.13 -14.32
CA GLY B 145 9.51 31.96 -14.05
C GLY B 145 8.50 31.37 -13.09
N GLY B 146 7.93 30.23 -13.43
CA GLY B 146 6.78 29.72 -12.69
C GLY B 146 7.15 28.87 -11.51
N THR B 147 6.22 28.02 -11.11
CA THR B 147 6.47 27.02 -10.09
C THR B 147 7.13 25.82 -10.77
N ALA B 148 8.26 25.38 -10.23
CA ALA B 148 9.00 24.24 -10.75
C ALA B 148 8.78 23.02 -9.88
N ALA B 149 8.92 21.85 -10.48
CA ALA B 149 9.02 20.62 -9.72
C ALA B 149 10.43 20.06 -9.92
N LEU B 150 10.95 19.44 -8.88
CA LEU B 150 12.18 18.67 -9.00
C LEU B 150 12.00 17.41 -8.19
N GLY B 151 12.88 16.45 -8.38
CA GLY B 151 12.70 15.20 -7.68
C GLY B 151 13.85 14.24 -7.85
N CYS B 152 13.63 13.02 -7.38
CA CYS B 152 14.53 11.90 -7.58
CA CYS B 152 14.55 11.92 -7.61
C CYS B 152 13.76 10.68 -8.01
N LEU B 153 14.31 9.98 -8.98
CA LEU B 153 13.79 8.71 -9.46
C LEU B 153 14.68 7.64 -8.84
N VAL B 154 14.06 6.81 -8.02
CA VAL B 154 14.74 5.77 -7.27
C VAL B 154 14.44 4.46 -8.00
N LYS B 155 15.37 4.05 -8.85
CA LYS B 155 15.08 3.07 -9.88
C LYS B 155 15.79 1.74 -9.68
N ASP B 156 15.06 0.67 -9.96
CA ASP B 156 15.60 -0.68 -10.10
C ASP B 156 16.17 -1.24 -8.79
N TYR B 157 15.32 -1.30 -7.76
CA TYR B 157 15.69 -1.89 -6.49
C TYR B 157 14.81 -3.09 -6.16
N PHE B 158 15.30 -3.91 -5.25
CA PHE B 158 14.56 -5.10 -4.81
C PHE B 158 15.10 -5.55 -3.46
N PRO B 159 14.21 -5.91 -2.51
CA PRO B 159 12.77 -5.81 -2.47
C PRO B 159 12.36 -4.43 -1.95
N GLU B 160 11.07 -4.24 -1.73
CA GLU B 160 10.60 -3.07 -0.97
C GLU B 160 11.09 -3.18 0.48
N PRO B 161 11.16 -2.06 1.23
CA PRO B 161 10.85 -0.70 0.82
C PRO B 161 12.08 0.16 0.68
N VAL B 162 11.89 1.36 0.14
CA VAL B 162 12.86 2.45 0.27
C VAL B 162 12.21 3.59 1.03
N THR B 163 13.04 4.39 1.70
CA THR B 163 12.59 5.64 2.30
C THR B 163 13.29 6.79 1.61
N VAL B 164 12.60 7.92 1.51
CA VAL B 164 13.13 9.14 0.93
C VAL B 164 12.79 10.32 1.83
N SER B 165 13.80 11.15 2.09
CA SER B 165 13.59 12.46 2.67
C SER B 165 14.27 13.49 1.79
N TRP B 166 14.01 14.76 2.08
CA TRP B 166 14.66 15.89 1.41
C TRP B 166 15.38 16.75 2.39
N ASN B 167 16.63 17.09 2.06
CA ASN B 167 17.45 17.95 2.91
C ASN B 167 17.47 17.49 4.38
N SER B 168 17.65 16.18 4.54
CA SER B 168 17.74 15.52 5.84
C SER B 168 16.50 15.75 6.71
N GLY B 169 15.34 15.89 6.07
CA GLY B 169 14.07 16.10 6.76
C GLY B 169 13.70 17.56 6.96
N ALA B 170 14.59 18.48 6.58
CA ALA B 170 14.33 19.90 6.71
C ALA B 170 13.30 20.41 5.70
N LEU B 171 13.19 19.72 4.57
CA LEU B 171 12.23 20.08 3.53
C LEU B 171 11.09 19.06 3.50
N THR B 172 9.91 19.48 3.91
CA THR B 172 8.75 18.60 3.89
C THR B 172 7.57 19.19 3.12
N SER B 173 7.49 20.52 3.05
CA SER B 173 6.42 21.21 2.34
C SER B 173 6.49 20.95 0.84
N GLY B 174 5.36 20.55 0.26
CA GLY B 174 5.27 20.31 -1.17
C GLY B 174 5.87 18.99 -1.64
N VAL B 175 6.33 18.15 -0.72
CA VAL B 175 6.91 16.86 -1.08
C VAL B 175 5.83 15.82 -1.32
N HIS B 176 5.96 15.09 -2.41
CA HIS B 176 5.16 13.89 -2.66
C HIS B 176 6.07 12.75 -2.99
N THR B 177 6.02 11.69 -2.18
CA THR B 177 6.77 10.47 -2.44
C THR B 177 5.75 9.41 -2.80
N PHE B 178 5.91 8.83 -3.97
CA PHE B 178 4.88 7.97 -4.57
C PHE B 178 5.09 6.52 -4.20
N PRO B 179 4.00 5.73 -4.23
CA PRO B 179 4.17 4.28 -4.11
C PRO B 179 5.02 3.75 -5.23
N ALA B 180 5.84 2.75 -4.93
CA ALA B 180 6.64 2.10 -5.95
C ALA B 180 5.75 1.38 -6.95
N VAL B 181 6.28 1.24 -8.17
CA VAL B 181 5.72 0.31 -9.15
C VAL B 181 6.67 -0.85 -9.30
N LEU B 182 6.08 -2.01 -9.60
CA LEU B 182 6.85 -3.21 -9.88
C LEU B 182 6.99 -3.34 -11.39
N GLN B 183 8.21 -3.22 -11.90
CA GLN B 183 8.46 -3.20 -13.34
C GLN B 183 8.42 -4.60 -13.93
N SER B 184 8.33 -4.69 -15.26
CA SER B 184 8.31 -5.99 -15.95
C SER B 184 9.60 -6.76 -15.69
N SER B 185 10.68 -6.04 -15.37
CA SER B 185 11.96 -6.64 -15.01
C SER B 185 11.95 -7.36 -13.67
N GLY B 186 10.92 -7.11 -12.85
CA GLY B 186 10.85 -7.65 -11.49
C GLY B 186 11.50 -6.72 -10.46
N LEU B 187 12.02 -5.57 -10.90
CA LEU B 187 12.59 -4.59 -9.98
C LEU B 187 11.59 -3.44 -9.75
N TYR B 188 11.67 -2.84 -8.57
CA TYR B 188 10.81 -1.71 -8.20
C TYR B 188 11.43 -0.38 -8.59
N SER B 189 10.56 0.62 -8.74
CA SER B 189 10.97 2.00 -8.97
CA SER B 189 10.97 1.99 -8.99
C SER B 189 9.98 2.93 -8.34
N LEU B 190 10.50 4.03 -7.80
CA LEU B 190 9.70 5.00 -7.08
C LEU B 190 10.20 6.40 -7.41
N SER B 191 9.29 7.38 -7.38
CA SER B 191 9.69 8.78 -7.51
C SER B 191 9.30 9.56 -6.27
N SER B 192 10.08 10.60 -6.01
CA SER B 192 9.77 11.57 -4.98
C SER B 192 9.99 12.95 -5.58
N VAL B 193 9.03 13.84 -5.39
CA VAL B 193 9.08 15.17 -5.98
C VAL B 193 8.78 16.23 -4.94
N VAL B 194 9.17 17.45 -5.28
CA VAL B 194 8.85 18.63 -4.49
C VAL B 194 8.66 19.80 -5.45
N THR B 195 7.71 20.68 -5.13
CA THR B 195 7.48 21.89 -5.91
C THR B 195 8.08 23.08 -5.16
N VAL B 196 8.72 23.97 -5.91
CA VAL B 196 9.41 25.14 -5.38
C VAL B 196 9.29 26.26 -6.41
N PRO B 197 9.40 27.52 -5.97
CA PRO B 197 9.45 28.57 -6.97
C PRO B 197 10.70 28.42 -7.85
N SER B 198 10.58 28.68 -9.14
CA SER B 198 11.71 28.52 -10.05
C SER B 198 12.89 29.38 -9.64
N SER B 199 12.62 30.54 -9.03
CA SER B 199 13.67 31.41 -8.50
C SER B 199 14.59 30.74 -7.45
N SER B 200 14.08 29.75 -6.73
CA SER B 200 14.87 29.04 -5.70
CA SER B 200 14.87 29.06 -5.70
C SER B 200 15.90 28.10 -6.29
N LEU B 201 15.76 27.76 -7.57
CA LEU B 201 16.70 26.84 -8.22
C LEU B 201 18.13 27.40 -8.25
N GLY B 202 18.27 28.72 -8.13
CA GLY B 202 19.58 29.37 -8.12
C GLY B 202 20.19 29.59 -6.75
N THR B 203 19.34 29.69 -5.73
CA THR B 203 19.78 30.05 -4.38
C THR B 203 19.78 28.88 -3.40
N GLN B 204 18.93 27.89 -3.64
CA GLN B 204 18.72 26.82 -2.67
C GLN B 204 19.35 25.52 -3.14
N THR B 205 19.67 24.66 -2.19
CA THR B 205 20.21 23.34 -2.45
C THR B 205 19.15 22.29 -2.13
N TYR B 206 18.96 21.37 -3.06
CA TYR B 206 17.97 20.29 -2.91
C TYR B 206 18.66 18.95 -3.03
N ILE B 207 18.59 18.16 -1.95
CA ILE B 207 19.23 16.87 -1.87
C ILE B 207 18.20 15.85 -1.42
N CYS B 208 18.05 14.77 -2.18
CA CYS B 208 17.16 13.70 -1.75
CA CYS B 208 17.15 13.69 -1.80
C CYS B 208 17.99 12.62 -1.09
N ASN B 209 17.51 12.18 0.07
CA ASN B 209 18.19 11.20 0.90
C ASN B 209 17.43 9.88 0.80
N VAL B 210 18.06 8.90 0.18
CA VAL B 210 17.41 7.63 -0.13
C VAL B 210 18.06 6.52 0.67
N ASN B 211 17.25 5.69 1.32
CA ASN B 211 17.75 4.52 2.08
C ASN B 211 17.04 3.26 1.60
N HIS B 212 17.82 2.24 1.28
CA HIS B 212 17.30 0.90 0.95
C HIS B 212 18.01 -0.07 1.85
N LYS B 213 17.36 -0.39 2.97
CA LYS B 213 17.99 -1.18 4.01
C LYS B 213 18.38 -2.60 3.54
N PRO B 214 17.54 -3.26 2.73
CA PRO B 214 17.91 -4.63 2.35
C PRO B 214 19.27 -4.77 1.65
N SER B 215 19.67 -3.75 0.88
CA SER B 215 20.94 -3.77 0.17
C SER B 215 22.01 -2.91 0.80
N ASN B 216 21.75 -2.37 2.00
CA ASN B 216 22.67 -1.45 2.66
C ASN B 216 23.05 -0.28 1.74
N THR B 217 22.05 0.27 1.05
CA THR B 217 22.27 1.37 0.12
C THR B 217 21.72 2.66 0.73
N LYS B 218 22.59 3.64 0.89
CA LYS B 218 22.20 4.98 1.33
C LYS B 218 22.83 5.96 0.35
N VAL B 219 22.00 6.79 -0.26
CA VAL B 219 22.44 7.71 -1.30
C VAL B 219 21.87 9.08 -0.99
N ASP B 220 22.72 10.10 -1.05
CA ASP B 220 22.29 11.50 -0.98
C ASP B 220 22.58 12.13 -2.34
N LYS B 221 21.52 12.47 -3.08
CA LYS B 221 21.66 12.96 -4.44
C LYS B 221 21.25 14.43 -4.55
N LYS B 222 22.21 15.26 -4.94
CA LYS B 222 21.93 16.67 -5.18
C LYS B 222 21.21 16.81 -6.52
N VAL B 223 20.10 17.54 -6.51
CA VAL B 223 19.29 17.73 -7.70
C VAL B 223 19.46 19.18 -8.14
N GLU B 224 20.04 19.36 -9.34
CA GLU B 224 20.43 20.66 -9.86
C GLU B 224 19.71 20.87 -11.20
N PRO B 225 19.27 22.10 -11.49
CA PRO B 225 18.71 22.34 -12.82
C PRO B 225 19.74 22.12 -13.94
C1 GOL C . -18.77 -20.86 14.45
O1 GOL C . -17.37 -20.82 14.14
C2 GOL C . -19.01 -21.20 15.91
O2 GOL C . -18.51 -22.51 16.19
C3 GOL C . -18.38 -20.13 16.82
O3 GOL C . -16.98 -20.38 17.03
H11 GOL C . -19.22 -19.89 14.22
H12 GOL C . -19.26 -21.61 13.82
H2 GOL C . -20.09 -21.18 16.09
H31 GOL C . -18.51 -19.15 16.38
H32 GOL C . -18.90 -20.14 17.79
HO3 GOL C . -16.84 -21.29 17.32
C1 GOL D . -10.69 5.79 15.38
O1 GOL D . -10.58 5.94 13.97
C2 GOL D . -10.55 4.35 15.86
O2 GOL D . -9.31 3.79 15.44
C3 GOL D . -10.59 4.38 17.39
O3 GOL D . -10.87 3.07 17.89
H11 GOL D . -9.92 6.40 15.88
H12 GOL D . -11.67 6.17 15.71
H2 GOL D . -11.40 3.75 15.47
H31 GOL D . -9.63 4.71 17.77
H32 GOL D . -11.36 5.07 17.73
HO3 GOL D . -10.73 2.41 17.20
C1 GOL E . 5.81 5.87 -11.49
O1 GOL E . 6.32 7.13 -11.92
C2 GOL E . 6.32 5.36 -10.14
O2 GOL E . 7.67 4.86 -10.25
C3 GOL E . 6.26 6.42 -9.06
O3 GOL E . 6.72 5.91 -7.80
H11 GOL E . 4.72 5.93 -11.43
H12 GOL E . 6.04 5.12 -12.24
H2 GOL E . 5.68 4.52 -9.83
H31 GOL E . 6.88 7.27 -9.34
H32 GOL E . 5.23 6.78 -8.96
HO3 GOL E . 6.18 5.13 -7.56
C1 GOL F . -7.60 -3.89 21.78
O1 GOL F . -6.43 -4.68 22.00
C2 GOL F . -8.90 -4.69 21.97
O2 GOL F . -9.95 -4.01 21.28
C3 GOL F . -8.81 -6.12 21.40
O3 GOL F . -9.96 -6.91 21.76
H11 GOL F . -7.60 -3.04 22.47
H12 GOL F . -7.58 -3.48 20.76
H2 GOL F . -9.12 -4.75 23.04
H31 GOL F . -8.73 -6.06 20.32
H32 GOL F . -7.92 -6.61 21.78
HO3 GOL F . -10.77 -6.45 21.47
C ACT G . 16.59 -21.36 -5.75
O ACT G . 15.44 -21.64 -5.38
OXT ACT G . 17.48 -20.97 -4.96
CH3 ACT G . 16.93 -21.50 -7.21
#